data_5U94
#
_entry.id   5U94
#
_cell.length_a   114.786
_cell.length_b   121.294
_cell.length_c   49.529
_cell.angle_alpha   90.000
_cell.angle_beta   90.000
_cell.angle_gamma   90.000
#
_symmetry.space_group_name_H-M   'C 2 2 21'
#
loop_
_entity.id
_entity.type
_entity.pdbx_description
1 polymer 'Serine/threonine-protein kinase PknB'
2 non-polymer '4-{2-(4-amino-1,2,5-oxadiazol-3-yl)-1-ethyl-7-[(3S)-piperidin-3-ylmethoxy]-1H-imidazo[4,5-c]pyridin-4-yl}-2-methylbut-3 -yn-2-ol'
3 non-polymer GLYCEROL
4 non-polymer 'MAGNESIUM ION'
5 water water
#
_entity_poly.entity_id   1
_entity_poly.type   'polypeptide(L)'
_entity_poly.pdbx_seq_one_letter_code
;GPLGSMTTPSHLSDRYELGEILGFGGMSEVHLARDLRLHRDVAVKVLRADLARDPSFYLRFRREAQNAAALNHPAIVAVY
DTGEAETPAGPLPYIVMEYVDGVTLRDIVHTEGPMTPKRAIEVIADACQALNFSHQNGIIHRDVKPANIMISATNAVKVM
DFGIARAIADSGNSVTQTAAVIGTAQYLSPEQARGDSVDARSDVYSLGCVLYEVLTGEPPFTGDSPVSVAYQHVREDPIP
PSARHEGLSADLDAVVLKALAKNPENRYQTAAEMRADLVRVHNGE
;
_entity_poly.pdbx_strand_id   A
#
loop_
_chem_comp.id
_chem_comp.type
_chem_comp.name
_chem_comp.formula
G93 non-polymer '4-{2-(4-amino-1,2,5-oxadiazol-3-yl)-1-ethyl-7-[(3S)-piperidin-3-ylmethoxy]-1H-imidazo[4,5-c]pyridin-4-yl}-2-methylbut-3 -yn-2-ol' 'C21 H27 N7 O3'
GOL non-polymer GLYCEROL 'C3 H8 O3'
MG non-polymer 'MAGNESIUM ION' 'Mg 2'
#
# COMPACT_ATOMS: atom_id res chain seq x y z
N THR A 8 23.13 -8.56 8.64
CA THR A 8 22.92 -7.14 8.36
C THR A 8 24.22 -6.36 8.58
N PRO A 9 25.17 -6.48 7.65
CA PRO A 9 26.46 -5.81 7.82
C PRO A 9 26.37 -4.30 7.65
N SER A 10 27.51 -3.62 7.77
CA SER A 10 27.52 -2.16 7.63
C SER A 10 27.25 -1.74 6.20
N HIS A 11 27.86 -2.41 5.23
CA HIS A 11 27.71 -2.08 3.82
C HIS A 11 27.23 -3.30 3.04
N LEU A 12 26.44 -3.05 2.01
CA LEU A 12 25.97 -4.08 1.10
C LEU A 12 26.70 -3.90 -0.23
N SER A 13 27.57 -4.85 -0.56
CA SER A 13 28.35 -4.80 -1.79
C SER A 13 29.31 -3.62 -1.80
N ASP A 14 29.79 -3.22 -0.62
CA ASP A 14 30.71 -2.09 -0.49
C ASP A 14 30.20 -0.86 -1.23
N ARG A 15 28.88 -0.70 -1.25
CA ARG A 15 28.23 0.38 -2.00
C ARG A 15 27.26 1.14 -1.11
N TYR A 16 26.28 0.43 -0.57
CA TYR A 16 25.19 1.04 0.19
C TYR A 16 25.49 0.92 1.68
N GLU A 17 25.85 2.06 2.30
CA GLU A 17 26.13 2.12 3.72
C GLU A 17 24.81 2.28 4.48
N LEU A 18 24.40 1.23 5.19
CA LEU A 18 23.12 1.24 5.87
C LEU A 18 23.11 2.27 7.00
N GLY A 19 21.96 2.90 7.20
CA GLY A 19 21.77 3.84 8.29
C GLY A 19 20.70 3.35 9.26
N GLU A 20 19.91 4.27 9.79
CA GLU A 20 18.87 3.91 10.75
C GLU A 20 17.80 3.04 10.06
N ILE A 21 17.12 2.23 10.87
CA ILE A 21 16.03 1.41 10.37
C ILE A 21 14.77 2.25 10.26
N LEU A 22 14.03 2.06 9.17
CA LEU A 22 12.78 2.79 8.94
C LEU A 22 11.55 1.97 9.25
N GLY A 23 11.61 0.65 9.09
CA GLY A 23 10.48 -0.22 9.38
C GLY A 23 10.89 -1.66 9.18
N PHE A 24 10.05 -2.55 9.68
CA PHE A 24 10.32 -3.98 9.54
C PHE A 24 9.01 -4.75 9.66
N GLY A 25 9.00 -5.92 9.03
CA GLY A 25 7.88 -6.84 9.13
C GLY A 25 8.33 -8.22 9.58
N GLY A 26 7.64 -9.28 9.15
CA GLY A 26 8.01 -10.62 9.58
C GLY A 26 9.15 -11.22 8.78
N MET A 27 9.26 -10.86 7.50
CA MET A 27 10.27 -11.44 6.62
C MET A 27 11.34 -10.46 6.18
N SER A 28 11.08 -9.16 6.24
CA SER A 28 11.98 -8.17 5.68
C SER A 28 12.06 -6.96 6.59
N GLU A 29 13.05 -6.11 6.31
CA GLU A 29 13.21 -4.84 7.01
C GLU A 29 13.70 -3.81 5.99
N VAL A 30 13.54 -2.53 6.35
CA VAL A 30 13.85 -1.43 5.44
C VAL A 30 14.73 -0.44 6.19
N HIS A 31 15.93 -0.20 5.65
CA HIS A 31 16.88 0.75 6.23
C HIS A 31 16.99 1.98 5.35
N LEU A 32 17.28 3.12 5.98
CA LEU A 32 17.80 4.28 5.28
C LEU A 32 19.28 4.06 5.02
N ALA A 33 19.70 4.26 3.77
CA ALA A 33 21.06 3.94 3.37
C ALA A 33 21.63 5.08 2.53
N ARG A 34 22.93 5.01 2.30
CA ARG A 34 23.65 5.99 1.50
C ARG A 34 24.28 5.25 0.32
N ASP A 35 23.98 5.70 -0.90
CA ASP A 35 24.64 5.18 -2.10
C ASP A 35 25.97 5.89 -2.24
N LEU A 36 27.06 5.17 -1.98
CA LEU A 36 28.37 5.82 -1.92
C LEU A 36 28.92 6.17 -3.30
N ARG A 37 28.40 5.57 -4.37
CA ARG A 37 28.81 5.97 -5.71
C ARG A 37 28.10 7.24 -6.16
N LEU A 38 26.77 7.27 -6.02
CA LEU A 38 25.98 8.39 -6.50
C LEU A 38 25.79 9.49 -5.44
N HIS A 39 26.20 9.24 -4.20
CA HIS A 39 26.12 10.24 -3.14
C HIS A 39 24.68 10.73 -2.93
N ARG A 40 23.76 9.77 -2.74
CA ARG A 40 22.38 10.10 -2.46
C ARG A 40 21.81 9.13 -1.43
N ASP A 41 20.75 9.58 -0.76
CA ASP A 41 20.05 8.74 0.19
C ASP A 41 19.09 7.81 -0.55
N VAL A 42 19.08 6.54 -0.15
CA VAL A 42 18.16 5.55 -0.68
C VAL A 42 17.60 4.75 0.49
N ALA A 43 16.53 4.01 0.21
CA ALA A 43 16.00 3.02 1.14
C ALA A 43 16.32 1.64 0.62
N VAL A 44 16.66 0.73 1.53
CA VAL A 44 17.06 -0.63 1.18
C VAL A 44 16.14 -1.59 1.91
N LYS A 45 15.43 -2.43 1.17
CA LYS A 45 14.61 -3.49 1.72
C LYS A 45 15.42 -4.79 1.72
N VAL A 46 15.54 -5.41 2.89
CA VAL A 46 16.40 -6.57 3.08
C VAL A 46 15.52 -7.76 3.46
N LEU A 47 15.83 -8.92 2.88
CA LEU A 47 15.16 -10.16 3.23
C LEU A 47 15.88 -10.78 4.45
N ARG A 48 15.10 -11.10 5.48
CA ARG A 48 15.67 -11.58 6.73
C ARG A 48 16.57 -12.79 6.47
N ALA A 49 17.76 -12.78 7.10
CA ALA A 49 18.64 -13.93 7.07
C ALA A 49 18.12 -15.06 7.97
N ASP A 50 17.29 -14.74 8.95
CA ASP A 50 16.71 -15.77 9.81
C ASP A 50 16.07 -16.87 8.99
N LEU A 51 15.47 -16.53 7.86
CA LEU A 51 14.88 -17.51 6.95
C LEU A 51 15.01 -17.01 5.51
N ALA A 52 16.25 -16.77 5.10
CA ALA A 52 16.55 -16.37 3.73
C ALA A 52 16.90 -17.55 2.85
N ARG A 53 16.92 -18.77 3.39
CA ARG A 53 17.27 -19.96 2.63
C ARG A 53 16.07 -20.52 1.87
N ASP A 54 14.92 -20.63 2.56
CA ASP A 54 13.68 -21.09 1.95
C ASP A 54 13.46 -20.39 0.60
N PRO A 55 13.56 -21.10 -0.52
CA PRO A 55 13.29 -20.46 -1.82
C PRO A 55 11.84 -20.00 -1.98
N SER A 56 10.92 -20.46 -1.13
CA SER A 56 9.56 -19.95 -1.18
C SER A 56 9.52 -18.45 -0.93
N PHE A 57 10.39 -17.96 -0.04
CA PHE A 57 10.55 -16.52 0.16
C PHE A 57 11.41 -15.91 -0.93
N TYR A 58 12.59 -16.48 -1.15
CA TYR A 58 13.56 -15.98 -2.13
C TYR A 58 12.87 -15.62 -3.44
N LEU A 59 11.94 -16.45 -3.88
CA LEU A 59 11.21 -16.15 -5.12
C LEU A 59 10.26 -14.98 -4.94
N ARG A 60 9.57 -14.92 -3.80
CA ARG A 60 8.64 -13.82 -3.55
C ARG A 60 9.37 -12.49 -3.49
N PHE A 61 10.55 -12.48 -2.87
CA PHE A 61 11.33 -11.25 -2.76
C PHE A 61 11.81 -10.79 -4.13
N ARG A 62 12.44 -11.69 -4.89
CA ARG A 62 12.87 -11.37 -6.24
C ARG A 62 11.70 -10.92 -7.10
N ARG A 63 10.53 -11.56 -6.92
CA ARG A 63 9.36 -11.19 -7.72
C ARG A 63 8.81 -9.84 -7.31
N GLU A 64 8.92 -9.48 -6.03
CA GLU A 64 8.57 -8.14 -5.58
C GLU A 64 9.43 -7.09 -6.29
N ALA A 65 10.74 -7.33 -6.34
CA ALA A 65 11.65 -6.38 -6.97
C ALA A 65 11.31 -6.20 -8.43
N GLN A 66 10.93 -7.28 -9.12
CA GLN A 66 10.63 -7.18 -10.55
C GLN A 66 9.31 -6.49 -10.80
N ASN A 67 8.27 -6.85 -10.04
CA ASN A 67 6.97 -6.19 -10.21
C ASN A 67 7.07 -4.69 -9.96
N ALA A 68 7.77 -4.30 -8.90
CA ALA A 68 7.91 -2.88 -8.58
C ALA A 68 8.74 -2.16 -9.63
N ALA A 69 9.80 -2.81 -10.13
CA ALA A 69 10.66 -2.20 -11.13
C ALA A 69 9.96 -2.08 -12.49
N ALA A 70 8.93 -2.89 -12.74
CA ALA A 70 8.17 -2.79 -13.98
C ALA A 70 7.33 -1.52 -14.04
N LEU A 71 7.16 -0.83 -12.92
CA LEU A 71 6.31 0.36 -12.85
C LEU A 71 7.17 1.60 -12.69
N ASN A 72 6.87 2.62 -13.49
CA ASN A 72 7.53 3.92 -13.41
C ASN A 72 6.43 4.97 -13.27
N HIS A 73 6.23 5.47 -12.04
CA HIS A 73 5.15 6.41 -11.79
C HIS A 73 5.52 7.28 -10.59
N PRO A 74 5.18 8.58 -10.62
CA PRO A 74 5.58 9.46 -9.50
C PRO A 74 4.94 9.12 -8.17
N ALA A 75 3.81 8.43 -8.16
CA ALA A 75 3.13 8.03 -6.93
C ALA A 75 3.40 6.58 -6.57
N ILE A 76 4.41 5.97 -7.17
CA ILE A 76 4.82 4.61 -6.85
C ILE A 76 6.32 4.63 -6.54
N VAL A 77 6.68 4.14 -5.36
CA VAL A 77 8.08 4.10 -4.96
C VAL A 77 8.88 3.42 -6.06
N ALA A 78 9.98 4.05 -6.47
CA ALA A 78 10.80 3.56 -7.56
C ALA A 78 11.87 2.60 -7.05
N VAL A 79 12.12 1.55 -7.83
CA VAL A 79 13.20 0.60 -7.56
C VAL A 79 14.40 1.00 -8.40
N TYR A 80 15.56 1.11 -7.76
CA TYR A 80 16.81 1.47 -8.43
C TYR A 80 17.70 0.27 -8.71
N ASP A 81 17.81 -0.66 -7.77
CA ASP A 81 18.81 -1.71 -7.87
C ASP A 81 18.33 -2.92 -7.06
N THR A 82 19.12 -3.99 -7.11
CA THR A 82 18.85 -5.20 -6.34
C THR A 82 20.08 -6.09 -6.42
N GLY A 83 20.16 -7.05 -5.50
CA GLY A 83 21.30 -7.95 -5.48
C GLY A 83 21.31 -8.76 -4.19
N GLU A 84 22.47 -9.36 -3.91
CA GLU A 84 22.70 -10.13 -2.69
C GLU A 84 23.98 -9.67 -2.04
N ALA A 85 23.94 -9.46 -0.73
CA ALA A 85 25.13 -9.09 0.02
C ALA A 85 25.76 -10.33 0.63
N GLU A 86 27.06 -10.50 0.42
CA GLU A 86 27.80 -11.59 1.03
C GLU A 86 27.91 -11.35 2.53
N THR A 87 27.38 -12.26 3.32
CA THR A 87 27.40 -12.18 4.77
C THR A 87 27.88 -13.51 5.34
N PRO A 88 28.32 -13.52 6.60
CA PRO A 88 28.72 -14.79 7.22
C PRO A 88 27.63 -15.84 7.20
N ALA A 89 26.36 -15.43 7.30
CA ALA A 89 25.25 -16.37 7.28
C ALA A 89 24.92 -16.87 5.87
N GLY A 90 25.44 -16.23 4.83
CA GLY A 90 25.16 -16.61 3.47
C GLY A 90 24.74 -15.43 2.62
N PRO A 91 24.03 -15.70 1.53
CA PRO A 91 23.56 -14.61 0.67
C PRO A 91 22.40 -13.85 1.30
N LEU A 92 22.44 -12.53 1.17
CA LEU A 92 21.44 -11.66 1.78
C LEU A 92 20.76 -10.82 0.69
N PRO A 93 19.56 -11.20 0.24
CA PRO A 93 18.91 -10.40 -0.80
C PRO A 93 18.55 -9.01 -0.30
N TYR A 94 18.54 -8.05 -1.24
CA TYR A 94 18.18 -6.69 -0.89
C TYR A 94 17.68 -5.95 -2.12
N ILE A 95 16.79 -4.98 -1.89
CA ILE A 95 16.23 -4.14 -2.94
C ILE A 95 16.54 -2.69 -2.58
N VAL A 96 17.14 -1.96 -3.52
CA VAL A 96 17.45 -0.54 -3.35
C VAL A 96 16.36 0.25 -4.06
N MET A 97 15.80 1.25 -3.37
CA MET A 97 14.65 1.98 -3.88
C MET A 97 14.70 3.44 -3.47
N GLU A 98 13.76 4.20 -4.01
CA GLU A 98 13.60 5.61 -3.68
C GLU A 98 13.33 5.78 -2.19
N TYR A 99 14.00 6.75 -1.58
CA TYR A 99 13.76 7.13 -0.19
C TYR A 99 12.67 8.18 -0.13
N VAL A 100 11.60 7.88 0.60
CA VAL A 100 10.51 8.81 0.85
C VAL A 100 10.65 9.26 2.30
N ASP A 101 10.97 10.54 2.48
CA ASP A 101 11.07 11.12 3.82
C ASP A 101 9.69 11.58 4.23
N GLY A 102 8.92 10.69 4.83
CA GLY A 102 7.56 11.02 5.21
C GLY A 102 7.00 10.01 6.19
N VAL A 103 5.67 9.93 6.20
CA VAL A 103 4.95 9.04 7.11
C VAL A 103 3.79 8.41 6.35
N THR A 104 3.30 7.31 6.91
CA THR A 104 2.18 6.59 6.31
C THR A 104 0.85 7.18 6.78
N LEU A 105 -0.21 6.84 6.05
CA LEU A 105 -1.55 7.21 6.49
C LEU A 105 -1.88 6.58 7.84
N ARG A 106 -1.35 5.38 8.10
CA ARG A 106 -1.55 4.75 9.40
C ARG A 106 -1.04 5.65 10.52
N ASP A 107 0.18 6.17 10.37
CA ASP A 107 0.73 7.07 11.38
C ASP A 107 -0.10 8.33 11.51
N ILE A 108 -0.59 8.86 10.39
CA ILE A 108 -1.32 10.12 10.41
C ILE A 108 -2.62 9.97 11.19
N VAL A 109 -3.40 8.94 10.88
CA VAL A 109 -4.69 8.75 11.55
C VAL A 109 -4.47 8.42 13.02
N HIS A 110 -3.42 7.68 13.34
CA HIS A 110 -3.20 7.25 14.71
C HIS A 110 -2.80 8.43 15.60
N THR A 111 -2.00 9.35 15.08
CA THR A 111 -1.48 10.46 15.88
C THR A 111 -2.24 11.76 15.68
N GLU A 112 -2.90 11.95 14.53
CA GLU A 112 -3.61 13.18 14.24
C GLU A 112 -5.09 12.97 13.93
N GLY A 113 -5.59 11.75 14.03
CA GLY A 113 -6.98 11.47 13.76
C GLY A 113 -7.34 11.68 12.30
N PRO A 114 -8.64 11.59 11.99
CA PRO A 114 -9.06 11.71 10.59
C PRO A 114 -8.57 12.99 9.94
N MET A 115 -8.37 12.91 8.63
CA MET A 115 -7.97 14.06 7.83
C MET A 115 -9.17 14.94 7.52
N THR A 116 -8.90 16.11 6.96
CA THR A 116 -9.95 16.94 6.42
C THR A 116 -10.46 16.33 5.12
N PRO A 117 -11.76 16.45 4.83
CA PRO A 117 -12.28 15.87 3.57
C PRO A 117 -11.51 16.32 2.34
N LYS A 118 -11.20 17.62 2.25
CA LYS A 118 -10.47 18.13 1.10
C LYS A 118 -9.15 17.41 0.92
N ARG A 119 -8.41 17.20 2.02
CA ARG A 119 -7.10 16.57 1.92
C ARG A 119 -7.23 15.09 1.60
N ALA A 120 -8.09 14.38 2.31
CA ALA A 120 -8.27 12.95 2.07
C ALA A 120 -8.59 12.68 0.61
N ILE A 121 -9.37 13.55 -0.02
CA ILE A 121 -9.74 13.36 -1.41
C ILE A 121 -8.53 13.51 -2.32
N GLU A 122 -7.66 14.49 -2.03
CA GLU A 122 -6.48 14.69 -2.85
C GLU A 122 -5.50 13.52 -2.70
N VAL A 123 -5.23 13.12 -1.46
CA VAL A 123 -4.30 12.00 -1.22
C VAL A 123 -4.80 10.74 -1.90
N ILE A 124 -6.07 10.39 -1.65
CA ILE A 124 -6.62 9.15 -2.20
C ILE A 124 -6.74 9.24 -3.71
N ALA A 125 -7.09 10.41 -4.23
CA ALA A 125 -7.15 10.57 -5.68
C ALA A 125 -5.79 10.32 -6.31
N ASP A 126 -4.71 10.75 -5.64
CA ASP A 126 -3.37 10.45 -6.13
C ASP A 126 -3.07 8.96 -6.06
N ALA A 127 -3.55 8.29 -5.01
CA ALA A 127 -3.35 6.85 -4.89
C ALA A 127 -4.10 6.11 -6.00
N CYS A 128 -5.31 6.57 -6.34
CA CYS A 128 -6.02 5.99 -7.48
C CYS A 128 -5.16 6.00 -8.73
N GLN A 129 -4.47 7.12 -8.97
CA GLN A 129 -3.62 7.23 -10.16
C GLN A 129 -2.53 6.16 -10.14
N ALA A 130 -1.83 6.03 -9.00
CA ALA A 130 -0.81 5.00 -8.88
C ALA A 130 -1.38 3.62 -9.19
N LEU A 131 -2.50 3.26 -8.55
CA LEU A 131 -3.06 1.94 -8.72
C LEU A 131 -3.54 1.73 -10.16
N ASN A 132 -4.22 2.72 -10.72
CA ASN A 132 -4.67 2.60 -12.11
C ASN A 132 -3.49 2.35 -13.04
N PHE A 133 -2.39 3.08 -12.83
CA PHE A 133 -1.18 2.82 -13.61
C PHE A 133 -0.73 1.37 -13.44
N SER A 134 -0.66 0.91 -12.20
CA SER A 134 -0.28 -0.48 -11.95
C SER A 134 -1.19 -1.43 -12.70
N HIS A 135 -2.51 -1.24 -12.57
CA HIS A 135 -3.46 -2.12 -13.24
C HIS A 135 -3.26 -2.10 -14.75
N GLN A 136 -3.05 -0.91 -15.31
CA GLN A 136 -2.82 -0.80 -16.75
C GLN A 136 -1.61 -1.62 -17.18
N ASN A 137 -0.60 -1.75 -16.31
CA ASN A 137 0.58 -2.53 -16.60
C ASN A 137 0.46 -3.98 -16.16
N GLY A 138 -0.71 -4.38 -15.67
CA GLY A 138 -0.98 -5.77 -15.37
C GLY A 138 -0.54 -6.24 -14.01
N ILE A 139 -0.45 -5.35 -13.02
CA ILE A 139 0.00 -5.71 -11.68
C ILE A 139 -1.07 -5.30 -10.68
N ILE A 140 -1.54 -6.26 -9.89
CA ILE A 140 -2.50 -6.03 -8.83
C ILE A 140 -1.74 -5.96 -7.51
N HIS A 141 -1.99 -4.90 -6.74
CA HIS A 141 -1.22 -4.66 -5.52
C HIS A 141 -1.56 -5.68 -4.44
N ARG A 142 -2.85 -5.88 -4.18
CA ARG A 142 -3.37 -6.85 -3.22
C ARG A 142 -3.22 -6.42 -1.78
N ASP A 143 -2.42 -5.39 -1.50
CA ASP A 143 -2.09 -5.03 -0.13
C ASP A 143 -2.33 -3.54 0.13
N VAL A 144 -3.32 -2.97 -0.55
CA VAL A 144 -3.67 -1.57 -0.33
C VAL A 144 -4.18 -1.41 1.10
N LYS A 145 -3.47 -0.62 1.89
CA LYS A 145 -3.86 -0.34 3.27
C LYS A 145 -3.16 0.92 3.72
N PRO A 146 -3.61 1.53 4.82
CA PRO A 146 -3.02 2.82 5.24
C PRO A 146 -1.53 2.75 5.51
N ALA A 147 -0.97 1.59 5.84
CA ALA A 147 0.46 1.48 6.10
C ALA A 147 1.30 1.42 4.84
N ASN A 148 0.68 1.20 3.69
CA ASN A 148 1.41 1.08 2.42
C ASN A 148 1.29 2.33 1.54
N ILE A 149 0.66 3.40 2.04
CA ILE A 149 0.59 4.68 1.34
C ILE A 149 1.33 5.71 2.19
N MET A 150 2.29 6.39 1.59
CA MET A 150 3.09 7.39 2.28
C MET A 150 2.81 8.78 1.74
N ILE A 151 3.07 9.78 2.58
CA ILE A 151 3.01 11.18 2.21
C ILE A 151 4.35 11.80 2.57
N SER A 152 5.11 12.21 1.56
CA SER A 152 6.44 12.77 1.78
C SER A 152 6.33 14.18 2.35
N ALA A 153 7.48 14.71 2.79
CA ALA A 153 7.52 16.10 3.23
C ALA A 153 7.08 17.05 2.12
N THR A 154 7.23 16.62 0.86
CA THR A 154 6.71 17.37 -0.28
C THR A 154 5.20 17.26 -0.41
N ASN A 155 4.55 16.48 0.46
CA ASN A 155 3.12 16.18 0.35
C ASN A 155 2.82 15.41 -0.93
N ALA A 156 3.80 14.67 -1.44
CA ALA A 156 3.59 13.76 -2.54
C ALA A 156 3.18 12.40 -2.01
N VAL A 157 2.17 11.81 -2.64
CA VAL A 157 1.68 10.50 -2.26
C VAL A 157 2.57 9.43 -2.91
N LYS A 158 2.90 8.40 -2.14
CA LYS A 158 3.78 7.33 -2.61
C LYS A 158 3.21 6.00 -2.12
N VAL A 159 2.85 5.14 -3.06
CA VAL A 159 2.40 3.79 -2.74
C VAL A 159 3.60 2.87 -2.76
N MET A 160 3.62 1.88 -1.87
CA MET A 160 4.80 1.06 -1.67
C MET A 160 4.38 -0.36 -1.29
N ASP A 161 5.37 -1.18 -0.95
CA ASP A 161 5.18 -2.57 -0.54
C ASP A 161 4.36 -3.37 -1.54
N PHE A 162 4.97 -3.73 -2.67
CA PHE A 162 4.39 -4.67 -3.61
C PHE A 162 4.55 -6.14 -3.24
N GLY A 163 4.93 -6.42 -2.00
CA GLY A 163 5.44 -7.73 -1.59
C GLY A 163 4.55 -8.90 -1.96
N ILE A 164 3.26 -8.67 -2.16
CA ILE A 164 2.33 -9.74 -2.54
C ILE A 164 1.56 -9.36 -3.78
N ALA A 165 2.12 -8.46 -4.59
CA ALA A 165 1.46 -8.06 -5.82
C ALA A 165 1.46 -9.20 -6.82
N ARG A 166 0.36 -9.32 -7.56
CA ARG A 166 0.20 -10.37 -8.56
C ARG A 166 0.12 -9.75 -9.93
N ALA A 167 0.84 -10.32 -10.89
CA ALA A 167 0.84 -9.83 -12.26
C ALA A 167 -0.23 -10.54 -13.09
N ILE A 168 -0.72 -9.84 -14.11
CA ILE A 168 -1.79 -10.31 -14.99
C ILE A 168 -3.14 -10.06 -14.32
N ILE A 182 -1.87 -13.17 1.74
CA ILE A 182 -3.04 -12.31 1.87
C ILE A 182 -2.69 -11.08 2.72
N GLY A 183 -3.57 -10.09 2.69
CA GLY A 183 -3.37 -8.83 3.39
C GLY A 183 -4.08 -8.77 4.73
N THR A 184 -4.39 -7.54 5.15
CA THR A 184 -5.04 -7.31 6.45
C THR A 184 -6.55 -7.36 6.29
N ALA A 185 -7.21 -8.06 7.22
CA ALA A 185 -8.63 -8.38 7.07
C ALA A 185 -9.49 -7.12 6.92
N GLN A 186 -9.18 -6.08 7.69
CA GLN A 186 -9.98 -4.86 7.64
C GLN A 186 -9.99 -4.18 6.28
N TYR A 187 -9.11 -4.58 5.36
CA TYR A 187 -9.01 -3.94 4.05
C TYR A 187 -9.14 -4.93 2.90
N LEU A 188 -9.42 -6.20 3.18
CA LEU A 188 -9.64 -7.18 2.12
C LEU A 188 -11.03 -7.02 1.52
N SER A 189 -11.14 -7.38 0.26
CA SER A 189 -12.42 -7.33 -0.43
C SER A 189 -13.18 -8.63 -0.26
N PRO A 190 -14.49 -8.62 -0.47
CA PRO A 190 -15.25 -9.88 -0.37
C PRO A 190 -14.69 -10.99 -1.23
N GLU A 191 -13.99 -10.66 -2.33
CA GLU A 191 -13.40 -11.69 -3.17
C GLU A 191 -11.95 -11.98 -2.80
N GLN A 192 -11.17 -10.96 -2.44
CA GLN A 192 -9.78 -11.19 -2.07
C GLN A 192 -9.71 -12.11 -0.85
N ALA A 193 -10.54 -11.84 0.16
CA ALA A 193 -10.78 -12.83 1.18
C ALA A 193 -11.53 -14.01 0.58
N ARG A 194 -11.09 -15.22 0.93
CA ARG A 194 -11.65 -16.49 0.48
C ARG A 194 -11.04 -16.88 -0.87
N GLY A 195 -9.89 -16.31 -1.25
CA GLY A 195 -9.01 -16.84 -2.28
C GLY A 195 -9.50 -16.71 -3.71
N ASP A 196 -10.71 -16.21 -3.93
CA ASP A 196 -11.24 -16.06 -5.28
C ASP A 196 -10.29 -15.22 -6.15
N SER A 197 -10.57 -15.15 -7.44
CA SER A 197 -9.79 -14.32 -8.33
C SER A 197 -9.93 -12.85 -7.95
N VAL A 198 -8.82 -12.12 -7.99
CA VAL A 198 -8.81 -10.70 -7.68
C VAL A 198 -8.41 -9.93 -8.93
N ASP A 199 -9.03 -8.78 -9.14
CA ASP A 199 -8.68 -7.90 -10.25
C ASP A 199 -8.69 -6.46 -9.77
N ALA A 200 -8.50 -5.52 -10.70
CA ALA A 200 -8.37 -4.12 -10.34
C ALA A 200 -9.43 -3.70 -9.32
N ARG A 201 -10.66 -4.14 -9.51
CA ARG A 201 -11.76 -3.74 -8.64
C ARG A 201 -11.55 -4.21 -7.21
N SER A 202 -10.66 -5.18 -6.97
CA SER A 202 -10.33 -5.56 -5.61
C SER A 202 -9.45 -4.51 -4.95
N ASP A 203 -8.50 -3.94 -5.69
CA ASP A 203 -7.71 -2.82 -5.18
C ASP A 203 -8.60 -1.61 -4.94
N VAL A 204 -9.59 -1.40 -5.82
CA VAL A 204 -10.53 -0.30 -5.62
C VAL A 204 -11.23 -0.44 -4.27
N TYR A 205 -11.71 -1.65 -3.97
CA TYR A 205 -12.40 -1.88 -2.71
C TYR A 205 -11.49 -1.55 -1.53
N SER A 206 -10.25 -2.08 -1.56
CA SER A 206 -9.31 -1.80 -0.49
C SER A 206 -9.06 -0.31 -0.36
N LEU A 207 -8.94 0.38 -1.49
CA LEU A 207 -8.77 1.83 -1.47
C LEU A 207 -9.97 2.53 -0.87
N GLY A 208 -11.18 1.97 -1.08
CA GLY A 208 -12.36 2.50 -0.42
C GLY A 208 -12.28 2.40 1.08
N CYS A 209 -11.77 1.27 1.59
CA CYS A 209 -11.57 1.13 3.03
C CYS A 209 -10.59 2.17 3.54
N VAL A 210 -9.49 2.40 2.80
CA VAL A 210 -8.51 3.40 3.20
C VAL A 210 -9.16 4.78 3.25
N LEU A 211 -9.91 5.14 2.21
CA LEU A 211 -10.60 6.42 2.19
C LEU A 211 -11.57 6.54 3.36
N TYR A 212 -12.31 5.47 3.65
CA TYR A 212 -13.23 5.48 4.78
C TYR A 212 -12.49 5.80 6.08
N GLU A 213 -11.27 5.29 6.24
CA GLU A 213 -10.57 5.40 7.51
C GLU A 213 -9.87 6.75 7.69
N VAL A 214 -9.36 7.34 6.61
CA VAL A 214 -8.76 8.67 6.73
C VAL A 214 -9.84 9.73 6.93
N LEU A 215 -11.07 9.47 6.49
CA LEU A 215 -12.16 10.43 6.70
C LEU A 215 -12.75 10.31 8.09
N THR A 216 -13.08 9.08 8.52
CA THR A 216 -13.82 8.88 9.76
C THR A 216 -12.94 8.54 10.95
N GLY A 217 -11.68 8.14 10.71
CA GLY A 217 -10.79 7.76 11.78
C GLY A 217 -10.77 6.27 12.09
N GLU A 218 -11.62 5.48 11.45
CA GLU A 218 -11.66 4.04 11.69
C GLU A 218 -12.04 3.34 10.40
N PRO A 219 -11.62 2.09 10.21
CA PRO A 219 -12.02 1.35 9.01
C PRO A 219 -13.50 1.03 9.02
N PRO A 220 -14.05 0.58 7.90
CA PRO A 220 -15.49 0.33 7.86
C PRO A 220 -15.94 -0.83 8.74
N PHE A 221 -15.11 -1.85 8.91
CA PHE A 221 -15.47 -3.02 9.69
C PHE A 221 -14.33 -3.37 10.64
N THR A 222 -14.64 -3.43 11.94
CA THR A 222 -13.72 -3.93 12.95
C THR A 222 -14.34 -5.13 13.63
N GLY A 223 -13.48 -6.00 14.17
CA GLY A 223 -13.96 -7.20 14.84
C GLY A 223 -12.89 -7.82 15.68
N ASP A 224 -13.33 -8.59 16.69
CA ASP A 224 -12.41 -9.25 17.60
C ASP A 224 -11.54 -10.29 16.89
N SER A 225 -11.98 -10.80 15.74
CA SER A 225 -11.27 -11.85 15.05
C SER A 225 -11.28 -11.57 13.56
N PRO A 226 -10.41 -12.22 12.79
CA PRO A 226 -10.44 -12.05 11.32
C PRO A 226 -11.77 -12.48 10.71
N VAL A 227 -12.26 -13.67 11.08
CA VAL A 227 -13.51 -14.15 10.51
C VAL A 227 -14.66 -13.19 10.82
N SER A 228 -14.59 -12.51 11.95
CA SER A 228 -15.59 -11.50 12.27
C SER A 228 -15.53 -10.35 11.27
N VAL A 229 -14.33 -9.91 10.91
CA VAL A 229 -14.19 -8.82 9.95
C VAL A 229 -14.57 -9.29 8.55
N ALA A 230 -14.08 -10.47 8.17
CA ALA A 230 -14.39 -11.01 6.84
C ALA A 230 -15.90 -11.14 6.64
N TYR A 231 -16.60 -11.71 7.63
CA TYR A 231 -18.04 -11.89 7.49
C TYR A 231 -18.74 -10.57 7.19
N GLN A 232 -18.33 -9.49 7.86
CA GLN A 232 -18.95 -8.19 7.64
C GLN A 232 -18.66 -7.69 6.22
N HIS A 233 -17.46 -7.96 5.71
CA HIS A 233 -17.13 -7.56 4.34
C HIS A 233 -18.11 -8.18 3.34
N VAL A 234 -18.62 -9.36 3.63
CA VAL A 234 -19.43 -10.10 2.65
C VAL A 234 -20.92 -9.80 2.80
N ARG A 235 -21.40 -9.62 4.03
CA ARG A 235 -22.84 -9.57 4.29
C ARG A 235 -23.35 -8.23 4.79
N GLU A 236 -22.58 -7.52 5.61
CA GLU A 236 -23.04 -6.30 6.27
C GLU A 236 -22.62 -5.07 5.48
N ASP A 237 -23.56 -4.15 5.26
CA ASP A 237 -23.25 -2.91 4.59
C ASP A 237 -22.53 -1.95 5.54
N PRO A 238 -21.71 -1.04 5.01
CA PRO A 238 -20.96 -0.13 5.89
C PRO A 238 -21.80 1.03 6.38
N ILE A 239 -21.49 1.48 7.59
CA ILE A 239 -22.12 2.71 8.11
C ILE A 239 -21.70 3.88 7.23
N PRO A 240 -22.62 4.67 6.68
CA PRO A 240 -22.22 5.83 5.88
C PRO A 240 -21.26 6.73 6.65
N PRO A 241 -20.15 7.14 6.04
CA PRO A 241 -19.18 7.98 6.76
C PRO A 241 -19.79 9.17 7.46
N SER A 242 -20.73 9.87 6.81
CA SER A 242 -21.34 11.05 7.43
C SER A 242 -21.94 10.73 8.78
N ALA A 243 -22.38 9.48 8.99
CA ALA A 243 -22.93 9.09 10.28
C ALA A 243 -21.83 8.91 11.32
N ARG A 244 -20.64 8.48 10.88
CA ARG A 244 -19.53 8.25 11.82
C ARG A 244 -18.85 9.55 12.22
N HIS A 245 -18.78 10.52 11.31
CA HIS A 245 -17.97 11.71 11.53
C HIS A 245 -18.66 12.91 10.89
N GLU A 246 -18.61 14.05 11.57
CA GLU A 246 -19.28 15.25 11.10
C GLU A 246 -18.45 15.93 10.02
N GLY A 247 -19.07 16.92 9.37
CA GLY A 247 -18.41 17.64 8.31
C GLY A 247 -18.18 16.83 7.06
N LEU A 248 -19.00 15.79 6.83
CA LEU A 248 -18.86 14.91 5.68
C LEU A 248 -20.11 15.02 4.82
N SER A 249 -19.93 15.36 3.55
CA SER A 249 -21.04 15.57 2.65
C SER A 249 -21.72 14.24 2.32
N ALA A 250 -22.89 14.34 1.68
CA ALA A 250 -23.57 13.16 1.17
C ALA A 250 -22.99 12.70 -0.16
N ASP A 251 -22.30 13.58 -0.88
CA ASP A 251 -21.67 13.20 -2.13
C ASP A 251 -20.38 12.41 -1.90
N LEU A 252 -19.67 12.69 -0.80
CA LEU A 252 -18.54 11.84 -0.44
C LEU A 252 -19.01 10.45 -0.02
N ASP A 253 -20.08 10.39 0.78
CA ASP A 253 -20.66 9.11 1.17
C ASP A 253 -20.86 8.22 -0.05
N ALA A 254 -21.47 8.77 -1.11
CA ALA A 254 -21.77 7.98 -2.30
C ALA A 254 -20.49 7.42 -2.91
N VAL A 255 -19.44 8.23 -3.00
CA VAL A 255 -18.19 7.76 -3.59
C VAL A 255 -17.63 6.61 -2.76
N VAL A 256 -17.55 6.79 -1.44
CA VAL A 256 -17.00 5.75 -0.58
C VAL A 256 -17.85 4.49 -0.66
N LEU A 257 -19.17 4.65 -0.57
CA LEU A 257 -20.05 3.48 -0.57
C LEU A 257 -20.03 2.76 -1.91
N LYS A 258 -19.81 3.46 -3.01
CA LYS A 258 -19.70 2.79 -4.30
C LYS A 258 -18.40 2.01 -4.41
N ALA A 259 -17.31 2.55 -3.86
CA ALA A 259 -16.06 1.80 -3.83
C ALA A 259 -16.17 0.58 -2.94
N LEU A 260 -17.05 0.61 -1.94
CA LEU A 260 -17.23 -0.49 -1.01
C LEU A 260 -18.41 -1.39 -1.38
N ALA A 261 -18.89 -1.32 -2.62
CA ALA A 261 -19.94 -2.22 -3.05
C ALA A 261 -19.47 -3.66 -2.94
N LYS A 262 -20.40 -4.55 -2.59
CA LYS A 262 -20.05 -5.96 -2.39
C LYS A 262 -19.75 -6.65 -3.71
N ASN A 263 -20.57 -6.40 -4.73
CA ASN A 263 -20.37 -7.01 -6.04
C ASN A 263 -19.39 -6.18 -6.86
N PRO A 264 -18.34 -6.78 -7.42
CA PRO A 264 -17.42 -6.00 -8.25
C PRO A 264 -18.10 -5.23 -9.36
N GLU A 265 -19.21 -5.74 -9.90
CA GLU A 265 -19.90 -5.05 -10.98
C GLU A 265 -20.43 -3.69 -10.53
N ASN A 266 -20.77 -3.54 -9.25
CA ASN A 266 -21.31 -2.29 -8.76
C ASN A 266 -20.24 -1.30 -8.34
N ARG A 267 -19.01 -1.75 -8.09
CA ARG A 267 -17.93 -0.84 -7.73
C ARG A 267 -17.51 -0.02 -8.94
N TYR A 268 -16.58 0.90 -8.71
CA TYR A 268 -15.84 1.48 -9.82
C TYR A 268 -15.07 0.38 -10.52
N GLN A 269 -15.17 0.33 -11.84
CA GLN A 269 -14.51 -0.72 -12.60
C GLN A 269 -13.01 -0.49 -12.75
N THR A 270 -12.55 0.75 -12.56
CA THR A 270 -11.13 1.07 -12.57
C THR A 270 -10.85 2.07 -11.46
N ALA A 271 -9.60 2.10 -11.02
CA ALA A 271 -9.19 3.15 -10.09
C ALA A 271 -9.34 4.53 -10.71
N ALA A 272 -9.27 4.62 -12.04
CA ALA A 272 -9.44 5.91 -12.71
C ALA A 272 -10.87 6.40 -12.60
N GLU A 273 -11.85 5.51 -12.73
CA GLU A 273 -13.24 5.88 -12.54
C GLU A 273 -13.46 6.44 -11.13
N MET A 274 -12.93 5.74 -10.12
CA MET A 274 -13.05 6.23 -8.75
C MET A 274 -12.43 7.61 -8.61
N ARG A 275 -11.29 7.85 -9.24
CA ARG A 275 -10.65 9.15 -9.15
C ARG A 275 -11.51 10.23 -9.78
N ALA A 276 -12.11 9.93 -10.93
CA ALA A 276 -12.96 10.93 -11.61
C ALA A 276 -14.09 11.38 -10.70
N ASP A 277 -14.67 10.45 -9.93
CA ASP A 277 -15.77 10.81 -9.04
C ASP A 277 -15.28 11.60 -7.84
N LEU A 278 -14.07 11.32 -7.36
CA LEU A 278 -13.52 12.11 -6.26
C LEU A 278 -13.28 13.55 -6.69
N VAL A 279 -12.85 13.77 -7.93
CA VAL A 279 -12.64 15.13 -8.43
C VAL A 279 -13.96 15.90 -8.44
N ARG A 280 -15.05 15.24 -8.82
CA ARG A 280 -16.35 15.89 -8.81
C ARG A 280 -16.68 16.43 -7.41
N VAL A 281 -16.46 15.62 -6.39
CA VAL A 281 -16.77 16.05 -5.03
C VAL A 281 -15.91 17.25 -4.65
N HIS A 282 -14.61 17.16 -4.88
CA HIS A 282 -13.70 18.26 -4.57
C HIS A 282 -14.16 19.56 -5.24
N ASN A 283 -14.34 19.53 -6.56
CA ASN A 283 -14.77 20.69 -7.31
C ASN A 283 -16.29 20.83 -7.29
C3 G93 B . 8.63 -1.44 -0.29
N2 G93 B . 8.88 1.36 3.54
N3 G93 B . 9.40 1.24 1.48
C2 G93 B . 8.33 -1.15 1.17
O2 G93 B . 7.43 -0.67 5.25
N1 G93 B . 7.69 -2.11 1.85
C1 G93 B . 8.70 -0.02 1.82
N6 G93 B . 10.89 3.45 0.06
C17 G93 B . 10.78 4.01 1.39
N5 G93 B . 11.22 5.11 1.76
O3 G93 B . 10.91 5.28 3.12
N4 G93 B . 10.21 4.13 3.55
C16 G93 B . 10.11 3.36 2.57
C15 G93 B . 9.44 1.99 2.56
C13 G93 B . 8.74 1.87 4.89
C14 G93 B . 9.65 1.12 5.86
C4 G93 B . 8.78 -1.72 -1.43
C5 G93 B . 8.88 -2.03 -2.92
C7 G93 B . 8.40 -0.81 -3.69
C6 G93 B . 10.31 -2.39 -3.30
O1 G93 B . 8.04 -3.11 -3.20
C12 G93 B . 8.39 0.16 3.21
C9 G93 B . 7.73 -0.84 3.89
C8 G93 B . 7.38 -2.00 3.15
C10 G93 B . 6.73 -1.69 5.95
C11 G93 B . 5.61 -1.07 6.78
C18 G93 B . 6.19 -0.66 8.13
N7 G93 B . 6.06 -1.75 9.07
C19 G93 B . 4.67 -1.90 9.46
C20 G93 B . 3.76 -2.11 8.25
C21 G93 B . 4.53 -2.14 6.93
HN6 G93 B . 10.65 2.63 -0.08
HN6A G93 B . 11.19 3.92 -0.59
H13 G93 B . 7.81 1.77 5.17
H13A G93 B . 8.97 2.81 4.91
H14 G93 B . 10.41 1.68 6.08
H14A G93 B . 9.16 0.92 6.67
H14B G93 B . 9.96 0.31 5.45
H7 G93 B . 8.88 -0.03 -3.40
H7A G93 B . 8.56 -0.95 -4.65
H7B G93 B . 7.45 -0.69 -3.55
H6 G93 B . 10.60 -3.17 -2.81
H6A G93 B . 10.35 -2.58 -4.25
H6B G93 B . 10.89 -1.64 -3.10
HO1 G93 B . 7.96 -3.61 -2.51
H8 G93 B . 6.94 -2.69 3.58
H10 G93 B . 6.36 -2.32 5.32
H10A G93 B . 7.34 -2.14 6.55
H11 G93 B . 5.24 -0.29 6.33
H18 G93 B . 7.13 -0.43 8.04
H18A G93 B . 5.70 0.11 8.46
HN7 G93 B . 6.54 -1.58 9.80
H19 G93 B . 4.38 -1.11 9.93
H19A G93 B . 4.58 -2.67 10.05
H20 G93 B . 3.12 -1.39 8.21
H20A G93 B . 3.29 -2.95 8.35
H21 G93 B . 3.90 -2.05 6.21
H21A G93 B . 4.95 -3.02 6.84
C1 GOL C . -21.76 12.37 -6.14
O1 GOL C . -21.89 13.53 -6.92
C2 GOL C . -21.74 11.15 -7.05
O2 GOL C . -21.32 11.52 -8.35
C3 GOL C . -20.79 10.10 -6.49
O3 GOL C . -21.05 8.85 -7.11
H11 GOL C . -20.82 12.41 -5.57
H12 GOL C . -22.58 12.29 -5.44
HO1 GOL C . -21.97 14.31 -6.33
H2 GOL C . -22.75 10.73 -7.10
HO2 GOL C . -20.41 11.88 -8.31
H31 GOL C . -19.76 10.38 -6.68
H32 GOL C . -20.93 10.00 -5.41
HO3 GOL C . -21.80 8.41 -6.64
C1 GOL D . -18.07 -0.51 13.23
O1 GOL D . -18.68 0.29 14.19
C2 GOL D . -18.33 -1.99 13.55
O2 GOL D . -19.49 -2.11 14.32
C3 GOL D . -18.47 -2.80 12.26
O3 GOL D . -17.79 -4.02 12.40
H11 GOL D . -18.47 -0.28 12.23
H12 GOL D . -17.00 -0.32 13.21
HO1 GOL D . -18.46 1.24 14.02
H2 GOL D . -17.46 -2.37 14.10
HO2 GOL D . -20.26 -1.79 13.81
H31 GOL D . -19.53 -2.97 12.07
H32 GOL D . -18.05 -2.23 11.42
HO3 GOL D . -17.11 -4.10 11.71
C1 GOL E . -6.54 -9.01 10.35
O1 GOL E . -6.74 -7.72 9.81
C2 GOL E . -5.71 -9.85 9.38
O2 GOL E . -4.52 -9.17 9.05
C3 GOL E . -5.37 -11.19 10.02
O3 GOL E . -4.77 -12.02 9.05
H11 GOL E . -6.01 -8.93 11.30
H12 GOL E . -7.49 -9.49 10.54
HO1 GOL E . -7.33 -7.21 10.41
H2 GOL E . -6.30 -10.03 8.48
HO2 GOL E . -3.98 -9.03 9.86
H31 GOL E . -4.69 -11.05 10.86
H32 GOL E . -6.28 -11.66 10.39
HO3 GOL E . -5.36 -12.78 8.85
C1 GOL F . 2.87 14.38 7.22
O1 GOL F . 3.57 14.40 6.00
C2 GOL F . 2.13 15.71 7.41
O2 GOL F . 3.00 16.67 7.98
C3 GOL F . 0.91 15.51 8.31
O3 GOL F . 1.34 15.35 9.64
H11 GOL F . 2.16 13.56 7.24
H12 GOL F . 3.57 14.24 8.04
HO1 GOL F . 4.10 13.58 5.91
H2 GOL F . 1.79 16.05 6.44
HO2 GOL F . 2.52 17.52 8.08
H31 GOL F . 0.26 16.38 8.24
H32 GOL F . 0.36 14.64 7.99
HO3 GOL F . 0.58 15.07 10.19
C1 GOL G . -0.24 16.17 4.07
O1 GOL G . 1.16 15.99 4.26
C2 GOL G . -0.92 16.44 5.41
O2 GOL G . -1.98 17.34 5.23
C3 GOL G . -1.47 15.13 5.98
O3 GOL G . -1.99 15.36 7.27
H11 GOL G . -0.41 17.01 3.40
H12 GOL G . -0.66 15.28 3.61
HO1 GOL G . 1.57 15.76 3.39
H2 GOL G . -0.20 16.85 6.10
HO2 GOL G . -2.65 16.95 4.61
H31 GOL G . -2.25 14.74 5.33
H32 GOL G . -0.66 14.40 6.04
HO3 GOL G . -2.54 16.18 7.26
C1 GOL H . 22.31 9.89 7.44
O1 GOL H . 23.32 9.39 8.29
C2 GOL H . 22.37 9.17 6.10
O2 GOL H . 21.52 9.80 5.17
C3 GOL H . 21.96 7.71 6.25
O3 GOL H . 23.05 6.95 6.74
H11 GOL H . 21.34 9.72 7.90
H12 GOL H . 22.45 10.95 7.29
HO1 GOL H . 23.32 9.90 9.13
H2 GOL H . 23.40 9.20 5.73
HO2 GOL H . 21.57 9.35 4.31
H31 GOL H . 21.13 7.63 6.95
H32 GOL H . 21.63 7.31 5.29
HO3 GOL H . 22.87 6.00 6.59
C1 GOL I . -12.17 17.03 10.01
O1 GOL I . -11.80 18.12 9.19
C2 GOL I . -10.92 16.38 10.59
O2 GOL I . -9.77 17.11 10.20
C3 GOL I . -11.02 16.34 12.11
O3 GOL I . -12.16 15.62 12.48
H11 GOL I . -12.81 17.38 10.82
H12 GOL I . -12.72 16.30 9.42
HO1 GOL I . -12.61 18.49 8.76
H2 GOL I . -10.85 15.36 10.21
HO2 GOL I . -9.83 18.02 10.56
H31 GOL I . -10.13 15.85 12.52
H32 GOL I . -11.06 17.35 12.51
HO3 GOL I . -12.89 16.25 12.71
C1 GOL J . 8.41 9.42 -12.56
O1 GOL J . 7.80 8.16 -12.74
C2 GOL J . 9.33 9.38 -11.34
O2 GOL J . 10.67 9.49 -11.76
C3 GOL J . 9.02 10.49 -10.35
O3 GOL J . 9.35 10.09 -9.05
H11 GOL J . 8.98 9.68 -13.45
H12 GOL J . 7.65 10.19 -12.41
HO1 GOL J . 7.16 8.22 -13.48
H2 GOL J . 9.19 8.42 -10.83
HO2 GOL J . 10.80 10.37 -12.18
H31 GOL J . 9.58 11.39 -10.62
H32 GOL J . 7.96 10.74 -10.40
HO3 GOL J . 9.50 10.89 -8.49
MG MG K . 3.70 -3.06 4.63
#